data_5XR7
#
_entry.id   5XR7
#
_cell.length_a   37.570
_cell.length_b   43.046
_cell.length_c   67.609
_cell.angle_alpha   86.66
_cell.angle_beta   74.07
_cell.angle_gamma   82.28
#
_symmetry.space_group_name_H-M   'P 1'
#
loop_
_entity.id
_entity.type
_entity.pdbx_description
1 polymer 'Ras-related protein RABA1a'
2 non-polymer "GUANOSINE-5'-TRIPHOSPHATE"
3 non-polymer 'MAGNESIUM ION'
4 water water
#
_entity_poly.entity_id   1
_entity_poly.type   'polypeptide(L)'
_entity_poly.pdbx_seq_one_letter_code
;MGSSHHHHHHSSGLVPRGSHMYDYLFKLVLIGDSGVGKSNLLSRFTKNEFNLESKSTIGVEFATKTTKVEGKVVKAQIWD
TAGKERYRAITSAYYRGAVGALLIYDVTRHATFENAARWLRELRGHTDPNIVVMLIGNKCDLRHLVAVKTEEAKAFAERE
SLYFMETSALDATNVENAFTEVLTQIHKIVSKRS
;
_entity_poly.pdbx_strand_id   A,B
#
loop_
_chem_comp.id
_chem_comp.type
_chem_comp.name
_chem_comp.formula
GTP non-polymer GUANOSINE-5'-TRIPHOSPHATE 'C10 H16 N5 O14 P3'
MG non-polymer 'MAGNESIUM ION' 'Mg 2'
#
# COMPACT_ATOMS: atom_id res chain seq x y z
N TYR A 22 -14.20 2.83 -13.85
CA TYR A 22 -14.19 1.56 -13.17
C TYR A 22 -15.46 0.86 -13.57
N ASP A 23 -15.58 0.40 -14.82
CA ASP A 23 -16.87 -0.21 -15.16
C ASP A 23 -16.98 -1.47 -14.32
N TYR A 24 -16.21 -2.50 -14.64
CA TYR A 24 -15.79 -3.43 -13.62
C TYR A 24 -14.29 -3.28 -13.40
N LEU A 25 -13.90 -3.31 -12.13
CA LEU A 25 -12.54 -3.11 -11.68
C LEU A 25 -12.01 -4.46 -11.22
N PHE A 26 -10.98 -4.97 -11.90
CA PHE A 26 -10.39 -6.27 -11.58
C PHE A 26 -9.10 -6.04 -10.81
N LYS A 27 -9.11 -6.36 -9.52
CA LYS A 27 -7.89 -6.28 -8.72
C LYS A 27 -6.99 -7.47 -9.04
N LEU A 28 -5.75 -7.20 -9.48
CA LEU A 28 -4.74 -8.21 -9.74
C LEU A 28 -3.54 -7.99 -8.83
N VAL A 29 -2.98 -9.05 -8.27
CA VAL A 29 -1.76 -8.94 -7.48
C VAL A 29 -0.61 -9.60 -8.23
N LEU A 30 0.55 -8.95 -8.21
CA LEU A 30 1.80 -9.51 -8.67
C LEU A 30 2.53 -10.08 -7.46
N ILE A 31 3.04 -11.31 -7.55
CA ILE A 31 3.83 -11.87 -6.47
C ILE A 31 5.01 -12.65 -7.03
N GLY A 32 6.02 -12.83 -6.19
CA GLY A 32 7.28 -13.42 -6.59
C GLY A 32 8.45 -12.77 -5.89
N ASP A 33 9.56 -13.51 -5.83
CA ASP A 33 10.69 -13.11 -4.99
C ASP A 33 11.33 -11.81 -5.48
N SER A 34 12.16 -11.23 -4.62
CA SER A 34 12.65 -9.90 -4.90
C SER A 34 13.46 -9.86 -6.20
N GLY A 35 13.34 -8.75 -6.91
CA GLY A 35 14.10 -8.56 -8.13
C GLY A 35 13.78 -9.50 -9.26
N VAL A 36 12.57 -10.08 -9.29
CA VAL A 36 12.18 -10.86 -10.45
C VAL A 36 11.67 -9.98 -11.58
N GLY A 37 11.37 -8.71 -11.30
CA GLY A 37 10.81 -7.80 -12.26
C GLY A 37 9.35 -7.45 -12.07
N LYS A 38 8.77 -7.71 -10.89
CA LYS A 38 7.38 -7.34 -10.66
C LYS A 38 7.12 -5.87 -10.98
N SER A 39 7.92 -4.96 -10.39
CA SER A 39 7.65 -3.54 -10.55
C SER A 39 7.83 -3.10 -12.00
N ASN A 40 8.91 -3.56 -12.64
CA ASN A 40 9.11 -3.20 -14.04
C ASN A 40 8.03 -3.81 -14.93
N LEU A 41 7.54 -5.00 -14.59
CA LEU A 41 6.41 -5.54 -15.33
C LEU A 41 5.22 -4.60 -15.24
N LEU A 42 4.85 -4.21 -14.02
CA LEU A 42 3.77 -3.26 -13.81
C LEU A 42 4.02 -1.94 -14.55
N SER A 43 5.27 -1.49 -14.59
CA SER A 43 5.57 -0.20 -15.22
C SER A 43 5.38 -0.26 -16.73
N ARG A 44 5.78 -1.37 -17.36
CA ARG A 44 5.71 -1.47 -18.81
C ARG A 44 4.29 -1.67 -19.30
N PHE A 45 3.43 -2.26 -18.46
CA PHE A 45 2.05 -2.47 -18.90
C PHE A 45 1.23 -1.19 -18.77
N THR A 46 1.44 -0.44 -17.68
CA THR A 46 0.58 0.69 -17.36
C THR A 46 1.03 1.97 -18.05
N LYS A 47 2.36 2.23 -18.05
CA LYS A 47 2.94 3.47 -18.55
C LYS A 47 3.97 3.26 -19.64
N ASN A 48 4.30 2.00 -19.95
CA ASN A 48 5.18 1.65 -21.07
C ASN A 48 6.61 2.15 -20.86
N GLU A 49 7.11 2.07 -19.62
CA GLU A 49 8.48 2.48 -19.33
C GLU A 49 9.12 1.48 -18.37
N PHE A 50 10.46 1.41 -18.43
CA PHE A 50 11.25 0.43 -17.70
C PHE A 50 12.19 1.17 -16.74
N ASN A 51 11.96 1.01 -15.45
CA ASN A 51 12.82 1.61 -14.44
C ASN A 51 14.15 0.86 -14.39
N LEU A 52 15.18 1.41 -15.03
CA LEU A 52 16.53 0.87 -14.85
C LEU A 52 16.99 1.05 -13.40
N GLU A 53 16.90 2.27 -12.88
CA GLU A 53 17.15 2.62 -11.49
C GLU A 53 16.13 1.98 -10.55
N SER A 54 16.18 0.68 -10.32
CA SER A 54 15.11 0.04 -9.56
C SER A 54 15.56 -0.27 -8.14
N LYS A 55 14.68 0.03 -7.19
CA LYS A 55 14.89 -0.22 -5.77
C LYS A 55 13.84 -1.22 -5.33
N SER A 56 14.13 -1.94 -4.24
CA SER A 56 13.14 -2.88 -3.72
C SER A 56 11.87 -2.12 -3.34
N THR A 57 10.73 -2.72 -3.61
CA THR A 57 9.48 -2.03 -3.35
C THR A 57 9.24 -1.93 -1.85
N ILE A 58 8.93 -0.71 -1.38
CA ILE A 58 8.53 -0.47 0.00
C ILE A 58 7.01 -0.49 0.09
N GLY A 59 6.48 -1.29 1.00
CA GLY A 59 5.03 -1.35 1.21
C GLY A 59 4.33 -1.92 -0.01
N VAL A 60 3.32 -1.21 -0.50
CA VAL A 60 2.55 -1.68 -1.65
C VAL A 60 2.33 -0.49 -2.58
N GLU A 61 2.51 -0.71 -3.88
CA GLU A 61 2.23 0.32 -4.86
C GLU A 61 1.13 -0.14 -5.80
N PHE A 62 0.47 0.84 -6.41
CA PHE A 62 -0.72 0.60 -7.23
C PHE A 62 -0.52 1.20 -8.60
N ALA A 63 -1.27 0.68 -9.56
CA ALA A 63 -1.26 1.27 -10.90
C ALA A 63 -2.47 0.73 -11.61
N THR A 64 -3.16 1.58 -12.34
CA THR A 64 -4.38 1.16 -13.01
C THR A 64 -4.20 1.28 -14.50
N LYS A 65 -5.02 0.54 -15.23
CA LYS A 65 -5.15 0.77 -16.66
C LYS A 65 -6.53 0.31 -17.07
N THR A 66 -7.10 1.04 -18.02
CA THR A 66 -8.40 0.71 -18.59
C THR A 66 -8.18 0.13 -19.97
N THR A 67 -8.77 -1.02 -20.22
CA THR A 67 -8.72 -1.65 -21.53
C THR A 67 -10.04 -2.36 -21.75
N LYS A 68 -10.31 -2.71 -23.00
CA LYS A 68 -11.54 -3.42 -23.34
C LYS A 68 -11.16 -4.86 -23.67
N VAL A 69 -11.70 -5.79 -22.88
CA VAL A 69 -11.49 -7.22 -23.08
C VAL A 69 -12.76 -7.78 -23.71
N GLU A 70 -12.59 -8.56 -24.77
CA GLU A 70 -13.66 -9.02 -25.66
C GLU A 70 -14.91 -8.15 -25.60
N GLY A 71 -14.73 -6.83 -25.77
CA GLY A 71 -15.84 -5.94 -26.00
C GLY A 71 -16.49 -5.31 -24.79
N LYS A 72 -15.87 -5.39 -23.61
CA LYS A 72 -16.40 -4.72 -22.43
C LYS A 72 -15.23 -4.03 -21.73
N VAL A 73 -15.41 -2.73 -21.49
CA VAL A 73 -14.33 -1.89 -20.94
C VAL A 73 -14.06 -2.32 -19.50
N VAL A 74 -12.81 -2.71 -19.22
CA VAL A 74 -12.40 -3.15 -17.90
C VAL A 74 -11.31 -2.23 -17.38
N LYS A 75 -11.36 -1.94 -16.09
CA LYS A 75 -10.28 -1.25 -15.38
C LYS A 75 -9.53 -2.30 -14.54
N ALA A 76 -8.24 -2.45 -14.80
CA ALA A 76 -7.40 -3.27 -13.95
C ALA A 76 -6.75 -2.39 -12.89
N GLN A 77 -6.70 -2.90 -11.67
CA GLN A 77 -6.15 -2.18 -10.52
C GLN A 77 -5.10 -3.11 -9.92
N ILE A 78 -3.86 -2.91 -10.34
CA ILE A 78 -2.80 -3.88 -10.16
C ILE A 78 -2.00 -3.52 -8.93
N TRP A 79 -1.85 -4.46 -8.01
CA TRP A 79 -1.14 -4.25 -6.75
C TRP A 79 0.26 -4.84 -6.81
N ASP A 80 1.19 -4.19 -6.12
CA ASP A 80 2.58 -4.63 -6.15
C ASP A 80 3.19 -4.42 -4.77
N THR A 81 4.07 -5.34 -4.38
CA THR A 81 4.70 -5.27 -3.07
C THR A 81 6.09 -5.89 -3.18
N ALA A 82 6.77 -6.02 -2.04
CA ALA A 82 8.14 -6.53 -2.05
C ALA A 82 8.15 -8.04 -1.89
N GLY A 83 9.24 -8.66 -2.38
CA GLY A 83 9.45 -10.09 -2.20
C GLY A 83 9.86 -10.50 -0.81
N LYS A 84 10.40 -9.56 -0.01
CA LYS A 84 10.75 -9.72 1.41
C LYS A 84 10.95 -11.17 1.86
N ARG A 88 4.36 -8.15 9.70
CA ARG A 88 3.55 -7.50 8.68
C ARG A 88 2.37 -8.38 8.26
N ALA A 89 1.31 -8.39 9.07
CA ALA A 89 0.10 -9.12 8.75
C ALA A 89 -0.77 -8.33 7.77
N ILE A 90 -0.12 -7.73 6.76
CA ILE A 90 -0.79 -7.00 5.70
C ILE A 90 -1.11 -7.89 4.50
N THR A 91 -0.68 -9.16 4.52
CA THR A 91 -0.93 -10.05 3.39
C THR A 91 -2.41 -10.18 3.11
N SER A 92 -3.23 -10.26 4.17
CA SER A 92 -4.67 -10.41 3.97
C SER A 92 -5.25 -9.20 3.27
N ALA A 93 -4.81 -8.00 3.65
CA ALA A 93 -5.24 -6.80 2.94
C ALA A 93 -4.67 -6.75 1.52
N TYR A 94 -3.49 -7.34 1.32
CA TYR A 94 -2.90 -7.39 -0.02
C TYR A 94 -3.75 -8.23 -0.97
N TYR A 95 -4.08 -9.46 -0.55
CA TYR A 95 -4.78 -10.39 -1.44
C TYR A 95 -6.29 -10.18 -1.46
N ARG A 96 -6.83 -9.44 -0.49
CA ARG A 96 -8.28 -9.29 -0.35
C ARG A 96 -8.91 -8.77 -1.63
N GLY A 97 -9.84 -9.54 -2.18
CA GLY A 97 -10.59 -9.15 -3.35
C GLY A 97 -9.89 -9.38 -4.67
N ALA A 98 -8.68 -9.94 -4.67
CA ALA A 98 -7.96 -10.19 -5.91
C ALA A 98 -8.66 -11.27 -6.73
N VAL A 99 -9.04 -10.91 -7.96
CA VAL A 99 -9.62 -11.86 -8.92
C VAL A 99 -8.60 -12.30 -9.96
N GLY A 100 -7.36 -11.82 -9.87
CA GLY A 100 -6.29 -12.25 -10.75
C GLY A 100 -4.97 -12.16 -10.01
N ALA A 101 -3.97 -12.86 -10.55
CA ALA A 101 -2.67 -12.95 -9.88
C ALA A 101 -1.63 -13.35 -10.89
N LEU A 102 -0.54 -12.59 -10.96
CA LEU A 102 0.62 -12.94 -11.79
C LEU A 102 1.73 -13.47 -10.88
N LEU A 103 2.04 -14.75 -11.04
CA LEU A 103 3.10 -15.43 -10.30
C LEU A 103 4.40 -15.29 -11.10
N ILE A 104 5.24 -14.35 -10.73
CA ILE A 104 6.41 -14.00 -11.54
C ILE A 104 7.66 -14.69 -10.98
N TYR A 105 8.43 -15.32 -11.87
CA TYR A 105 9.79 -15.73 -11.54
C TYR A 105 10.76 -15.14 -12.57
N ASP A 106 12.06 -15.24 -12.26
CA ASP A 106 13.16 -14.64 -13.02
C ASP A 106 13.86 -15.77 -13.79
N VAL A 107 13.62 -15.80 -15.10
CA VAL A 107 14.10 -16.86 -15.98
C VAL A 107 15.57 -17.19 -15.74
N THR A 108 16.37 -16.24 -15.24
CA THR A 108 17.80 -16.49 -15.12
C THR A 108 18.24 -16.93 -13.72
N ARG A 109 17.34 -17.18 -12.78
CA ARG A 109 17.76 -17.52 -11.42
C ARG A 109 16.89 -18.65 -10.87
N HIS A 110 17.37 -19.90 -10.97
CA HIS A 110 16.51 -21.06 -10.72
C HIS A 110 15.90 -21.02 -9.33
N ALA A 111 16.54 -20.32 -8.38
CA ALA A 111 15.96 -20.22 -7.05
C ALA A 111 14.68 -19.39 -7.05
N THR A 112 14.44 -18.55 -8.06
CA THR A 112 13.17 -17.81 -8.05
C THR A 112 12.02 -18.70 -8.49
N PHE A 113 12.28 -19.60 -9.43
CA PHE A 113 11.24 -20.47 -9.91
C PHE A 113 10.92 -21.55 -8.90
N GLU A 114 11.89 -21.94 -8.08
CA GLU A 114 11.69 -23.06 -7.16
C GLU A 114 10.68 -22.72 -6.09
N ASN A 115 10.80 -21.57 -5.44
CA ASN A 115 9.84 -21.20 -4.41
C ASN A 115 8.61 -20.49 -4.97
N ALA A 116 8.32 -20.67 -6.27
CA ALA A 116 7.06 -20.20 -6.81
C ALA A 116 5.89 -20.95 -6.19
N ALA A 117 6.05 -22.25 -5.96
CA ALA A 117 5.00 -23.03 -5.29
C ALA A 117 4.74 -22.49 -3.89
N ARG A 118 5.75 -21.92 -3.24
CA ARG A 118 5.53 -21.36 -1.91
C ARG A 118 4.77 -20.05 -1.98
N TRP A 119 5.02 -19.25 -3.01
CA TRP A 119 4.14 -18.12 -3.31
C TRP A 119 2.73 -18.61 -3.67
N LEU A 120 2.65 -19.79 -4.29
CA LEU A 120 1.36 -20.27 -4.76
C LEU A 120 0.46 -20.65 -3.59
N ARG A 121 1.01 -21.31 -2.58
CA ARG A 121 0.18 -21.72 -1.45
C ARG A 121 -0.08 -20.58 -0.48
N GLU A 122 0.76 -19.56 -0.45
CA GLU A 122 0.34 -18.36 0.23
C GLU A 122 -0.77 -17.66 -0.55
N LEU A 123 -0.64 -17.62 -1.88
CA LEU A 123 -1.67 -16.97 -2.67
C LEU A 123 -3.01 -17.68 -2.55
N ARG A 124 -3.01 -18.99 -2.29
CA ARG A 124 -4.25 -19.71 -2.09
C ARG A 124 -4.66 -19.83 -0.63
N GLY A 125 -3.83 -19.38 0.31
CA GLY A 125 -4.32 -19.19 1.65
C GLY A 125 -5.20 -17.97 1.81
N HIS A 126 -5.15 -17.04 0.85
CA HIS A 126 -5.77 -15.74 1.02
C HIS A 126 -6.56 -15.32 -0.21
N THR A 127 -7.03 -16.26 -1.01
CA THR A 127 -7.88 -15.90 -2.13
C THR A 127 -8.93 -16.99 -2.32
N ASP A 128 -9.80 -16.79 -3.37
CA ASP A 128 -10.83 -17.71 -3.83
C ASP A 128 -10.23 -18.76 -4.77
N PRO A 129 -10.74 -19.99 -4.70
CA PRO A 129 -10.21 -21.05 -5.58
C PRO A 129 -10.30 -20.74 -7.06
N ASN A 130 -11.25 -19.90 -7.48
CA ASN A 130 -11.42 -19.60 -8.90
C ASN A 130 -10.67 -18.38 -9.36
N ILE A 131 -9.70 -17.90 -8.59
CA ILE A 131 -8.89 -16.80 -9.10
C ILE A 131 -8.15 -17.27 -10.35
N VAL A 132 -7.92 -16.34 -11.26
CA VAL A 132 -7.18 -16.61 -12.48
C VAL A 132 -5.72 -16.26 -12.24
N VAL A 133 -4.84 -17.26 -12.33
CA VAL A 133 -3.42 -17.09 -12.00
C VAL A 133 -2.58 -17.44 -13.22
N MET A 134 -1.68 -16.55 -13.59
CA MET A 134 -0.69 -16.85 -14.62
C MET A 134 0.69 -16.92 -13.99
N LEU A 135 1.39 -18.02 -14.23
CA LEU A 135 2.81 -18.11 -13.95
C LEU A 135 3.57 -17.38 -15.05
N ILE A 136 4.59 -16.62 -14.65
CA ILE A 136 5.32 -15.73 -15.55
C ILE A 136 6.82 -15.97 -15.40
N GLY A 137 7.49 -16.36 -16.49
CA GLY A 137 8.94 -16.36 -16.56
C GLY A 137 9.44 -15.04 -17.13
N ASN A 138 9.78 -14.07 -16.29
CA ASN A 138 10.24 -12.77 -16.74
C ASN A 138 11.74 -12.79 -17.08
N LYS A 139 12.15 -11.74 -17.80
CA LYS A 139 13.54 -11.51 -18.20
C LYS A 139 13.95 -12.44 -19.32
N CYS A 140 13.00 -12.74 -20.20
CA CYS A 140 13.36 -13.67 -21.26
C CYS A 140 14.29 -13.03 -22.28
N ASP A 141 14.64 -11.77 -22.13
CA ASP A 141 15.63 -11.14 -22.98
C ASP A 141 17.05 -11.57 -22.63
N LEU A 142 17.27 -12.09 -21.41
CA LEU A 142 18.57 -12.60 -21.00
C LEU A 142 18.77 -14.06 -21.45
N ARG A 143 18.78 -14.28 -22.77
CA ARG A 143 18.71 -15.63 -23.30
C ARG A 143 19.95 -16.46 -22.96
N HIS A 144 21.12 -15.83 -22.91
CA HIS A 144 22.34 -16.55 -22.58
C HIS A 144 22.50 -16.81 -21.09
N LEU A 145 21.53 -16.45 -20.26
CA LEU A 145 21.62 -16.71 -18.83
C LEU A 145 20.44 -17.51 -18.32
N VAL A 146 19.62 -18.07 -19.22
CA VAL A 146 18.41 -18.78 -18.82
C VAL A 146 18.79 -20.00 -17.98
N ALA A 147 18.27 -20.05 -16.74
CA ALA A 147 18.51 -21.16 -15.83
C ALA A 147 17.28 -22.02 -15.63
N VAL A 148 16.19 -21.70 -16.32
CA VAL A 148 14.89 -22.35 -16.13
C VAL A 148 14.38 -22.74 -17.51
N LYS A 149 14.33 -24.03 -17.77
CA LYS A 149 13.79 -24.50 -19.04
C LYS A 149 12.26 -24.38 -19.02
N THR A 150 11.72 -23.99 -20.16
CA THR A 150 10.32 -23.67 -20.22
C THR A 150 9.45 -24.89 -20.00
N GLU A 151 9.97 -26.11 -20.21
CA GLU A 151 9.14 -27.28 -20.01
C GLU A 151 9.07 -27.72 -18.54
N GLU A 152 10.03 -27.32 -17.67
CA GLU A 152 9.78 -27.47 -16.24
C GLU A 152 8.75 -26.44 -15.75
N ALA A 153 8.75 -25.26 -16.36
CA ALA A 153 7.75 -24.25 -16.03
C ALA A 153 6.38 -24.63 -16.59
N LYS A 154 6.33 -25.07 -17.84
CA LYS A 154 5.09 -25.57 -18.41
C LYS A 154 4.58 -26.79 -17.63
N ALA A 155 5.49 -27.59 -17.08
CA ALA A 155 5.06 -28.71 -16.24
C ALA A 155 4.41 -28.23 -14.96
N PHE A 156 5.01 -27.22 -14.33
CA PHE A 156 4.46 -26.69 -13.09
C PHE A 156 3.09 -26.04 -13.33
N ALA A 157 2.91 -25.35 -14.45
CA ALA A 157 1.62 -24.73 -14.77
C ALA A 157 0.57 -25.79 -15.04
N GLU A 158 0.88 -26.75 -15.91
CA GLU A 158 -0.02 -27.88 -16.13
C GLU A 158 -0.44 -28.48 -14.79
N ARG A 159 0.54 -28.78 -13.93
CA ARG A 159 0.25 -29.47 -12.68
C ARG A 159 -0.65 -28.64 -11.78
N GLU A 160 -0.59 -27.31 -11.87
CA GLU A 160 -1.36 -26.46 -10.96
C GLU A 160 -2.49 -25.71 -11.62
N SER A 161 -2.77 -25.95 -12.91
CA SER A 161 -3.82 -25.23 -13.65
C SER A 161 -3.53 -23.73 -13.76
N LEU A 162 -2.26 -23.38 -13.85
CA LEU A 162 -1.85 -22.00 -14.06
C LEU A 162 -1.73 -21.70 -15.55
N TYR A 163 -2.02 -20.46 -15.93
CA TYR A 163 -1.57 -20.05 -17.24
C TYR A 163 -0.06 -19.84 -17.20
N PHE A 164 0.56 -19.72 -18.36
CA PHE A 164 2.00 -19.49 -18.32
C PHE A 164 2.47 -18.75 -19.57
N MET A 165 3.29 -17.72 -19.36
CA MET A 165 3.95 -17.03 -20.45
C MET A 165 5.36 -16.61 -20.02
N GLU A 166 6.26 -16.56 -20.98
CA GLU A 166 7.56 -15.94 -20.77
C GLU A 166 7.50 -14.49 -21.20
N THR A 167 8.10 -13.61 -20.40
CA THR A 167 8.02 -12.19 -20.66
C THR A 167 9.39 -11.54 -20.50
N SER A 168 9.51 -10.37 -21.12
CA SER A 168 10.60 -9.45 -20.83
C SER A 168 9.99 -8.08 -20.58
N ALA A 169 10.14 -7.58 -19.35
CA ALA A 169 9.81 -6.18 -19.12
C ALA A 169 10.76 -5.27 -19.90
N LEU A 170 12.03 -5.68 -20.02
CA LEU A 170 13.00 -4.84 -20.73
C LEU A 170 12.61 -4.65 -22.19
N ASP A 171 12.17 -5.73 -22.86
CA ASP A 171 11.86 -5.69 -24.29
C ASP A 171 10.37 -5.49 -24.55
N ALA A 172 9.51 -5.71 -23.54
CA ALA A 172 8.04 -5.66 -23.58
C ALA A 172 7.44 -6.91 -24.19
N THR A 173 8.26 -7.90 -24.52
CA THR A 173 7.75 -9.11 -25.14
C THR A 173 6.80 -9.80 -24.19
N ASN A 174 5.54 -9.88 -24.59
CA ASN A 174 4.45 -10.62 -23.94
C ASN A 174 3.87 -9.93 -22.72
N VAL A 175 4.28 -8.71 -22.38
CA VAL A 175 3.73 -8.09 -21.17
C VAL A 175 2.25 -7.82 -21.34
N GLU A 176 1.87 -7.15 -22.43
CA GLU A 176 0.45 -6.88 -22.63
C GLU A 176 -0.34 -8.18 -22.78
N ASN A 177 0.19 -9.14 -23.53
CA ASN A 177 -0.50 -10.43 -23.65
C ASN A 177 -0.68 -11.10 -22.30
N ALA A 178 0.31 -10.96 -21.41
CA ALA A 178 0.17 -11.55 -20.09
C ALA A 178 -1.00 -10.93 -19.33
N PHE A 179 -1.07 -9.60 -19.28
CA PHE A 179 -2.14 -8.96 -18.51
C PHE A 179 -3.50 -9.17 -19.18
N THR A 180 -3.63 -8.80 -20.46
CA THR A 180 -4.94 -8.89 -21.12
C THR A 180 -5.49 -10.31 -21.05
N GLU A 181 -4.63 -11.32 -21.25
CA GLU A 181 -5.07 -12.71 -21.15
C GLU A 181 -5.73 -12.98 -19.79
N VAL A 182 -5.03 -12.63 -18.71
CA VAL A 182 -5.63 -12.72 -17.38
C VAL A 182 -6.96 -11.98 -17.33
N LEU A 183 -6.96 -10.72 -17.80
CA LEU A 183 -8.17 -9.91 -17.75
C LEU A 183 -9.32 -10.55 -18.54
N THR A 184 -9.02 -11.01 -19.76
CA THR A 184 -10.02 -11.68 -20.59
C THR A 184 -10.66 -12.87 -19.87
N GLN A 185 -9.83 -13.76 -19.33
CA GLN A 185 -10.37 -14.95 -18.67
C GLN A 185 -11.10 -14.61 -17.37
N ILE A 186 -10.66 -13.56 -16.67
CA ILE A 186 -11.47 -13.07 -15.55
C ILE A 186 -12.84 -12.68 -16.07
N HIS A 187 -12.88 -11.96 -17.21
CA HIS A 187 -14.14 -11.50 -17.77
C HIS A 187 -15.08 -12.67 -18.07
N LYS A 188 -14.56 -13.71 -18.73
CA LYS A 188 -15.37 -14.89 -19.05
C LYS A 188 -16.01 -15.49 -17.81
N ILE A 189 -15.28 -15.53 -16.70
CA ILE A 189 -15.86 -16.08 -15.47
C ILE A 189 -17.04 -15.22 -15.00
N VAL A 190 -16.81 -13.91 -14.78
CA VAL A 190 -17.84 -13.07 -14.18
C VAL A 190 -18.82 -12.48 -15.17
N SER A 191 -18.60 -12.65 -16.48
CA SER A 191 -19.60 -12.18 -17.45
C SER A 191 -20.69 -13.22 -17.69
N ASP B 23 -3.99 -10.07 20.48
CA ASP B 23 -4.88 -9.65 21.57
C ASP B 23 -5.44 -8.22 21.34
N TYR B 24 -4.64 -7.32 20.77
CA TYR B 24 -5.17 -6.03 20.32
C TYR B 24 -4.27 -5.51 19.20
N LEU B 25 -4.80 -5.45 17.99
CA LEU B 25 -4.08 -4.88 16.86
C LEU B 25 -4.93 -3.74 16.31
N PHE B 26 -4.40 -2.51 16.38
CA PHE B 26 -5.14 -1.32 16.00
C PHE B 26 -4.57 -0.77 14.70
N LYS B 27 -5.43 -0.60 13.70
CA LYS B 27 -5.05 0.06 12.47
C LYS B 27 -5.32 1.56 12.61
N LEU B 28 -4.26 2.36 12.47
CA LEU B 28 -4.34 3.83 12.40
C LEU B 28 -3.96 4.30 11.01
N VAL B 29 -4.65 5.30 10.51
CA VAL B 29 -4.31 5.90 9.23
C VAL B 29 -3.82 7.33 9.45
N LEU B 30 -2.87 7.74 8.61
CA LEU B 30 -2.30 9.07 8.64
C LEU B 30 -2.70 9.77 7.35
N ILE B 31 -3.40 10.88 7.46
CA ILE B 31 -3.87 11.61 6.29
C ILE B 31 -3.46 13.07 6.46
N GLY B 32 -3.52 13.80 5.36
CA GLY B 32 -3.04 15.17 5.35
C GLY B 32 -2.35 15.49 4.04
N ASP B 33 -2.14 16.78 3.81
CA ASP B 33 -1.60 17.20 2.54
C ASP B 33 -0.12 16.83 2.45
N SER B 34 0.37 16.79 1.22
CA SER B 34 1.76 16.39 0.98
C SER B 34 2.74 17.24 1.77
N GLY B 35 3.77 16.60 2.29
CA GLY B 35 4.81 17.31 3.00
C GLY B 35 4.37 17.98 4.30
N VAL B 36 3.37 17.44 4.98
CA VAL B 36 3.06 17.94 6.32
C VAL B 36 3.86 17.24 7.41
N GLY B 37 4.41 16.05 7.12
CA GLY B 37 5.23 15.37 8.10
C GLY B 37 4.78 13.95 8.38
N LYS B 38 3.76 13.49 7.67
CA LYS B 38 3.19 12.18 7.96
C LYS B 38 4.27 11.11 8.08
N SER B 39 5.10 10.97 7.04
CA SER B 39 6.10 9.91 7.04
C SER B 39 7.12 10.12 8.17
N ASN B 40 7.53 11.38 8.38
CA ASN B 40 8.49 11.67 9.44
C ASN B 40 7.86 11.50 10.83
N LEU B 41 6.58 11.83 10.98
CA LEU B 41 5.90 11.46 12.22
C LEU B 41 5.90 9.95 12.39
N LEU B 42 5.65 9.22 11.31
CA LEU B 42 5.65 7.77 11.41
C LEU B 42 7.05 7.26 11.74
N SER B 43 8.07 7.76 11.04
CA SER B 43 9.43 7.28 11.31
C SER B 43 9.82 7.52 12.76
N ARG B 44 9.44 8.68 13.31
CA ARG B 44 9.85 9.07 14.65
C ARG B 44 9.10 8.29 15.73
N PHE B 45 7.86 7.91 15.48
CA PHE B 45 7.18 7.11 16.49
C PHE B 45 7.69 5.67 16.51
N THR B 46 8.06 5.13 15.34
CA THR B 46 8.43 3.73 15.26
C THR B 46 9.94 3.52 15.38
N LYS B 47 10.74 4.28 14.63
CA LYS B 47 12.17 4.01 14.50
C LYS B 47 13.05 4.95 15.31
N ASN B 48 12.49 6.03 15.89
CA ASN B 48 13.19 6.97 16.78
C ASN B 48 13.98 8.03 16.01
N GLU B 49 14.04 7.94 14.68
CA GLU B 49 14.78 8.96 13.97
C GLU B 49 13.95 9.62 12.88
N PHE B 50 14.51 10.71 12.34
CA PHE B 50 13.85 11.70 11.47
C PHE B 50 14.59 11.73 10.15
N ASN B 51 13.84 11.72 9.04
CA ASN B 51 14.43 11.67 7.70
C ASN B 51 14.51 13.06 7.08
N LEU B 52 15.74 13.55 6.89
CA LEU B 52 15.97 14.78 6.13
C LEU B 52 15.65 14.59 4.65
N GLU B 53 16.13 13.49 4.07
CA GLU B 53 15.97 13.26 2.65
C GLU B 53 14.51 13.15 2.25
N SER B 54 13.65 12.74 3.18
CA SER B 54 12.23 12.38 3.00
C SER B 54 11.61 12.72 1.65
N LYS B 55 11.34 11.70 0.85
CA LYS B 55 10.72 11.85 -0.46
C LYS B 55 9.24 11.53 -0.35
N SER B 56 8.47 11.95 -1.36
CA SER B 56 7.02 11.82 -1.29
C SER B 56 6.60 10.35 -1.36
N THR B 57 5.70 9.96 -0.48
CA THR B 57 5.36 8.56 -0.32
C THR B 57 4.52 8.07 -1.49
N ILE B 58 4.99 7.06 -2.19
CA ILE B 58 4.27 6.48 -3.30
C ILE B 58 3.51 5.28 -2.79
N GLY B 59 2.26 5.15 -3.20
CA GLY B 59 1.43 4.07 -2.68
C GLY B 59 1.27 4.18 -1.18
N VAL B 60 1.42 3.06 -0.49
CA VAL B 60 1.08 2.96 0.93
C VAL B 60 2.23 2.30 1.67
N GLU B 61 2.73 2.96 2.70
CA GLU B 61 3.72 2.35 3.57
C GLU B 61 3.06 1.97 4.89
N PHE B 62 3.71 1.08 5.62
CA PHE B 62 3.15 0.51 6.84
C PHE B 62 4.21 0.48 7.92
N ALA B 63 3.77 0.48 9.17
CA ALA B 63 4.72 0.36 10.26
C ALA B 63 3.96 -0.13 11.48
N THR B 64 4.60 -1.01 12.24
CA THR B 64 4.01 -1.56 13.44
C THR B 64 4.85 -1.20 14.66
N LYS B 65 4.20 -1.12 15.82
CA LYS B 65 4.88 -0.88 17.07
C LYS B 65 4.02 -1.43 18.20
N THR B 66 4.69 -1.96 19.23
CA THR B 66 4.00 -2.41 20.44
C THR B 66 4.12 -1.35 21.51
N THR B 67 2.99 -1.01 22.14
CA THR B 67 2.98 -0.10 23.28
C THR B 67 1.97 -0.62 24.29
N LYS B 68 2.14 -0.23 25.55
CA LYS B 68 1.16 -0.60 26.57
C LYS B 68 0.35 0.63 26.96
N VAL B 69 -0.97 0.46 27.01
CA VAL B 69 -1.89 1.55 27.31
C VAL B 69 -2.43 1.44 28.73
N GLU B 70 -2.52 0.23 29.27
CA GLU B 70 -3.27 -0.12 30.46
C GLU B 70 -2.44 -0.91 31.44
N GLY B 71 -1.25 -1.33 31.05
CA GLY B 71 -0.70 -2.59 31.47
C GLY B 71 -0.93 -3.68 30.46
N LYS B 72 -1.72 -3.41 29.44
CA LYS B 72 -1.94 -4.32 28.32
C LYS B 72 -1.18 -3.80 27.11
N VAL B 73 -0.30 -4.63 26.56
CA VAL B 73 0.41 -4.27 25.35
C VAL B 73 -0.54 -4.35 24.16
N VAL B 74 -0.59 -3.28 23.37
CA VAL B 74 -1.31 -3.29 22.12
C VAL B 74 -0.31 -3.25 20.99
N LYS B 75 -0.79 -3.52 19.79
CA LYS B 75 0.02 -3.33 18.61
C LYS B 75 -0.71 -2.43 17.65
N ALA B 76 0.06 -1.50 17.07
CA ALA B 76 -0.46 -0.51 16.15
C ALA B 76 0.07 -0.83 14.77
N GLN B 77 -0.81 -0.89 13.79
CA GLN B 77 -0.46 -1.09 12.39
C GLN B 77 -0.77 0.24 11.69
N ILE B 78 0.22 1.10 11.59
CA ILE B 78 -0.02 2.47 11.16
C ILE B 78 0.16 2.56 9.66
N TRP B 79 -0.84 3.11 8.98
CA TRP B 79 -0.78 3.23 7.53
C TRP B 79 -0.44 4.66 7.11
N ASP B 80 0.34 4.75 6.02
CA ASP B 80 0.84 6.02 5.51
C ASP B 80 0.80 6.02 4.00
N THR B 81 0.57 7.19 3.42
CA THR B 81 0.47 7.31 1.97
C THR B 81 0.55 8.78 1.58
N ALA B 82 0.53 9.02 0.27
CA ALA B 82 0.76 10.36 -0.27
C ALA B 82 -0.37 11.29 0.11
N GLY B 83 -0.02 12.54 0.41
CA GLY B 83 -1.01 13.60 0.41
C GLY B 83 -1.41 14.02 -0.99
N LYS B 84 -0.47 13.93 -1.94
CA LYS B 84 -0.75 14.18 -3.35
C LYS B 84 -1.70 13.11 -3.90
N ARG B 88 -5.85 6.18 -7.54
CA ARG B 88 -5.79 6.74 -6.20
C ARG B 88 -7.01 6.33 -5.36
N ALA B 89 -8.00 5.70 -6.00
CA ALA B 89 -9.17 5.23 -5.27
C ALA B 89 -8.86 3.91 -4.57
N ILE B 90 -7.64 3.79 -4.05
CA ILE B 90 -7.22 2.77 -3.08
C ILE B 90 -7.84 3.11 -1.73
N THR B 91 -8.57 4.23 -1.71
CA THR B 91 -9.07 4.86 -0.48
C THR B 91 -9.83 3.86 0.38
N SER B 92 -10.70 3.06 -0.23
CA SER B 92 -11.46 2.07 0.53
C SER B 92 -10.52 1.10 1.25
N ALA B 93 -9.51 0.60 0.55
CA ALA B 93 -8.58 -0.33 1.17
C ALA B 93 -7.76 0.36 2.25
N TYR B 94 -7.31 1.59 1.97
CA TYR B 94 -6.56 2.35 2.96
C TYR B 94 -7.35 2.52 4.25
N TYR B 95 -8.65 2.82 4.14
CA TYR B 95 -9.46 3.20 5.30
C TYR B 95 -10.12 2.02 5.98
N ARG B 96 -10.34 0.93 5.24
CA ARG B 96 -11.09 -0.20 5.79
C ARG B 96 -10.43 -0.72 7.06
N GLY B 97 -11.25 -0.84 8.11
CA GLY B 97 -10.78 -1.37 9.38
C GLY B 97 -10.03 -0.37 10.24
N ALA B 98 -9.78 0.84 9.76
CA ALA B 98 -9.05 1.81 10.55
C ALA B 98 -9.89 2.19 11.77
N VAL B 99 -9.27 2.10 12.95
CA VAL B 99 -9.91 2.44 14.21
C VAL B 99 -9.30 3.69 14.83
N GLY B 100 -8.29 4.27 14.21
CA GLY B 100 -7.74 5.54 14.64
C GLY B 100 -7.25 6.32 13.44
N ALA B 101 -7.08 7.63 13.63
CA ALA B 101 -6.63 8.47 12.53
C ALA B 101 -5.92 9.70 13.07
N LEU B 102 -4.74 9.97 12.52
CA LEU B 102 -4.04 11.22 12.78
C LEU B 102 -4.27 12.13 11.59
N LEU B 103 -5.01 13.23 11.83
CA LEU B 103 -5.28 14.26 10.83
C LEU B 103 -4.23 15.34 11.02
N ILE B 104 -3.21 15.34 10.17
CA ILE B 104 -1.99 16.09 10.40
C ILE B 104 -1.93 17.27 9.45
N TYR B 105 -1.64 18.46 9.99
CA TYR B 105 -1.33 19.62 9.18
C TYR B 105 0.03 20.20 9.56
N ASP B 106 0.49 21.11 8.71
CA ASP B 106 1.79 21.76 8.80
C ASP B 106 1.55 23.13 9.43
N VAL B 107 1.98 23.27 10.68
CA VAL B 107 1.74 24.49 11.45
C VAL B 107 2.26 25.73 10.72
N THR B 108 3.25 25.59 9.84
CA THR B 108 3.77 26.74 9.14
C THR B 108 3.10 26.98 7.78
N ARG B 109 1.98 26.33 7.50
CA ARG B 109 1.34 26.47 6.19
C ARG B 109 -0.17 26.48 6.38
N HIS B 110 -0.80 27.63 6.13
CA HIS B 110 -2.22 27.74 6.49
C HIS B 110 -3.09 26.94 5.53
N ALA B 111 -2.75 26.89 4.23
CA ALA B 111 -3.52 26.08 3.30
C ALA B 111 -3.58 24.63 3.74
N THR B 112 -2.54 24.18 4.43
CA THR B 112 -2.50 22.81 4.92
C THR B 112 -3.56 22.56 5.98
N PHE B 113 -3.91 23.58 6.75
CA PHE B 113 -4.93 23.52 7.80
C PHE B 113 -6.32 23.75 7.24
N GLU B 114 -6.46 24.65 6.27
CA GLU B 114 -7.75 24.84 5.58
C GLU B 114 -8.25 23.54 4.99
N ASN B 115 -7.34 22.75 4.41
CA ASN B 115 -7.66 21.47 3.79
C ASN B 115 -7.99 20.38 4.79
N ALA B 116 -7.72 20.59 6.09
CA ALA B 116 -7.94 19.52 7.06
C ALA B 116 -9.43 19.17 7.16
N ALA B 117 -10.30 20.07 6.72
CA ALA B 117 -11.72 19.77 6.73
C ALA B 117 -12.07 18.81 5.60
N ARG B 118 -11.40 18.96 4.44
CA ARG B 118 -11.74 18.13 3.28
C ARG B 118 -11.16 16.73 3.46
N TRP B 119 -10.04 16.59 4.19
CA TRP B 119 -9.55 15.26 4.55
C TRP B 119 -10.47 14.59 5.58
N LEU B 120 -10.96 15.36 6.54
CA LEU B 120 -11.85 14.82 7.58
C LEU B 120 -13.10 14.21 6.96
N ARG B 121 -13.70 14.88 5.97
CA ARG B 121 -14.89 14.28 5.35
C ARG B 121 -14.53 13.05 4.52
N GLU B 122 -13.42 13.07 3.75
CA GLU B 122 -12.99 11.82 3.13
C GLU B 122 -12.91 10.72 4.17
N LEU B 123 -12.26 11.02 5.31
CA LEU B 123 -12.07 10.00 6.34
C LEU B 123 -13.41 9.51 6.90
N ARG B 124 -14.34 10.43 7.16
CA ARG B 124 -15.63 10.01 7.68
C ARG B 124 -16.48 9.28 6.63
N GLY B 125 -16.16 9.43 5.34
CA GLY B 125 -16.92 8.72 4.32
C GLY B 125 -16.53 7.28 4.13
N HIS B 126 -15.79 6.71 5.08
CA HIS B 126 -15.01 5.49 4.84
C HIS B 126 -14.60 4.85 6.16
N THR B 127 -15.11 5.36 7.26
CA THR B 127 -14.79 4.79 8.55
C THR B 127 -16.05 4.73 9.41
N ASP B 128 -15.94 3.99 10.50
CA ASP B 128 -16.93 4.05 11.55
C ASP B 128 -17.01 5.45 12.13
N PRO B 129 -18.21 5.98 12.34
CA PRO B 129 -18.35 7.22 13.11
C PRO B 129 -17.60 7.24 14.44
N ASN B 130 -17.39 6.09 15.09
CA ASN B 130 -16.80 6.02 16.43
C ASN B 130 -15.28 5.97 16.41
N ILE B 131 -14.65 6.16 15.25
CA ILE B 131 -13.20 6.09 15.18
C ILE B 131 -12.58 7.23 15.98
N VAL B 132 -11.48 6.94 16.66
CA VAL B 132 -10.74 7.92 17.44
C VAL B 132 -9.83 8.71 16.50
N VAL B 133 -10.07 10.02 16.37
CA VAL B 133 -9.32 10.89 15.46
C VAL B 133 -8.66 12.00 16.27
N MET B 134 -7.41 12.31 15.93
CA MET B 134 -6.70 13.42 16.55
C MET B 134 -6.21 14.37 15.47
N LEU B 135 -6.49 15.65 15.67
CA LEU B 135 -5.89 16.69 14.84
C LEU B 135 -4.46 16.90 15.32
N ILE B 136 -3.53 16.97 14.36
CA ILE B 136 -2.11 17.13 14.67
C ILE B 136 -1.59 18.38 13.94
N GLY B 137 -1.06 19.34 14.71
CA GLY B 137 -0.28 20.42 14.13
C GLY B 137 1.20 20.04 14.20
N ASN B 138 1.77 19.57 13.09
CA ASN B 138 3.17 19.15 13.06
C ASN B 138 4.09 20.33 12.74
N LYS B 139 5.37 20.17 13.09
CA LYS B 139 6.45 21.10 12.83
C LYS B 139 6.46 22.26 13.81
N CYS B 140 5.84 22.10 14.98
CA CYS B 140 5.78 23.21 15.93
C CYS B 140 7.16 23.67 16.38
N ASP B 141 8.23 23.00 15.91
CA ASP B 141 9.61 23.43 16.14
C ASP B 141 9.97 24.67 15.33
N LEU B 142 9.26 24.91 14.22
CA LEU B 142 9.49 26.09 13.38
C LEU B 142 8.76 27.33 13.94
N ARG B 143 9.17 27.73 15.15
CA ARG B 143 8.43 28.72 15.93
C ARG B 143 8.23 30.03 15.17
N HIS B 144 9.25 30.48 14.46
CA HIS B 144 9.20 31.74 13.74
C HIS B 144 8.44 31.67 12.41
N LEU B 145 7.75 30.56 12.12
CA LEU B 145 7.06 30.41 10.85
C LEU B 145 5.59 30.05 10.99
N VAL B 146 5.09 29.80 12.21
CA VAL B 146 3.73 29.28 12.35
C VAL B 146 2.73 30.28 11.80
N ALA B 147 1.92 29.83 10.84
CA ALA B 147 0.81 30.59 10.27
C ALA B 147 -0.55 30.11 10.77
N VAL B 148 -0.60 29.19 11.72
CA VAL B 148 -1.87 28.63 12.18
C VAL B 148 -2.00 28.88 13.68
N LYS B 149 -2.97 29.72 14.06
CA LYS B 149 -3.20 29.99 15.47
C LYS B 149 -3.62 28.72 16.18
N THR B 150 -2.89 28.37 17.25
CA THR B 150 -3.27 27.25 18.09
C THR B 150 -4.73 27.34 18.51
N GLU B 151 -5.21 28.54 18.84
CA GLU B 151 -6.61 28.70 19.24
C GLU B 151 -7.56 28.36 18.09
N GLU B 152 -7.10 28.54 16.86
CA GLU B 152 -7.93 28.23 15.70
C GLU B 152 -7.91 26.74 15.35
N ALA B 153 -6.84 26.04 15.72
CA ALA B 153 -6.89 24.59 15.61
C ALA B 153 -7.72 23.98 16.74
N LYS B 154 -7.62 24.55 17.95
CA LYS B 154 -8.50 24.12 19.04
C LYS B 154 -9.95 24.36 18.71
N ALA B 155 -10.26 25.43 17.99
CA ALA B 155 -11.65 25.65 17.60
C ALA B 155 -12.12 24.52 16.70
N PHE B 156 -11.41 24.29 15.60
CA PHE B 156 -11.81 23.25 14.66
C PHE B 156 -11.96 21.90 15.35
N ALA B 157 -11.00 21.52 16.18
CA ALA B 157 -11.08 20.26 16.92
C ALA B 157 -12.33 20.21 17.78
N GLU B 158 -12.54 21.25 18.59
CA GLU B 158 -13.73 21.32 19.43
C GLU B 158 -15.00 21.03 18.64
N ARG B 159 -15.17 21.73 17.50
CA ARG B 159 -16.44 21.64 16.79
C ARG B 159 -16.61 20.26 16.15
N GLU B 160 -15.51 19.65 15.72
CA GLU B 160 -15.57 18.36 15.06
C GLU B 160 -15.27 17.19 16.01
N SER B 161 -15.03 17.48 17.28
CA SER B 161 -14.88 16.47 18.33
C SER B 161 -13.62 15.63 18.14
N LEU B 162 -12.51 16.29 17.80
CA LEU B 162 -11.23 15.64 17.60
C LEU B 162 -10.33 15.83 18.80
N TYR B 163 -9.46 14.86 19.06
CA TYR B 163 -8.36 15.20 19.94
C TYR B 163 -7.43 16.17 19.24
N PHE B 164 -6.61 16.90 20.01
CA PHE B 164 -5.70 17.83 19.35
C PHE B 164 -4.39 17.96 20.11
N MET B 165 -3.28 17.87 19.38
CA MET B 165 -1.98 18.22 19.93
C MET B 165 -1.11 18.86 18.86
N GLU B 166 -0.10 19.58 19.31
CA GLU B 166 0.94 20.06 18.43
C GLU B 166 2.18 19.22 18.66
N THR B 167 2.81 18.82 17.55
CA THR B 167 3.95 17.92 17.58
C THR B 167 5.05 18.44 16.67
N SER B 168 6.27 18.03 16.97
CA SER B 168 7.36 18.21 16.03
C SER B 168 8.02 16.87 15.77
N ALA B 169 7.99 16.43 14.51
CA ALA B 169 8.72 15.23 14.11
C ALA B 169 10.22 15.41 14.30
N LEU B 170 10.70 16.64 14.20
CA LEU B 170 12.14 16.85 14.14
C LEU B 170 12.79 16.68 15.52
N ASP B 171 12.30 17.39 16.54
CA ASP B 171 12.81 17.20 17.90
C ASP B 171 11.89 16.34 18.76
N ALA B 172 11.00 15.58 18.12
CA ALA B 172 10.12 14.59 18.75
C ALA B 172 9.07 15.19 19.66
N THR B 173 8.85 16.52 19.61
CA THR B 173 7.92 17.13 20.55
C THR B 173 6.56 16.46 20.47
N ASN B 174 6.20 15.71 21.51
CA ASN B 174 4.88 15.14 21.73
C ASN B 174 4.49 14.02 20.78
N VAL B 175 5.38 13.56 19.90
CA VAL B 175 5.00 12.56 18.90
C VAL B 175 4.48 11.30 19.58
N GLU B 176 5.21 10.83 20.59
CA GLU B 176 4.73 9.70 21.39
C GLU B 176 3.43 10.04 22.11
N ASN B 177 3.32 11.25 22.64
CA ASN B 177 2.09 11.65 23.34
C ASN B 177 0.87 11.48 22.45
N ALA B 178 1.00 11.79 21.15
CA ALA B 178 -0.16 11.73 20.27
C ALA B 178 -0.55 10.28 19.97
N PHE B 179 0.40 9.49 19.44
CA PHE B 179 0.09 8.10 19.11
C PHE B 179 -0.46 7.36 20.34
N THR B 180 0.23 7.49 21.48
CA THR B 180 -0.25 6.83 22.70
C THR B 180 -1.65 7.28 23.07
N GLU B 181 -1.94 8.56 22.92
CA GLU B 181 -3.25 9.07 23.30
C GLU B 181 -4.36 8.49 22.42
N VAL B 182 -4.12 8.41 21.12
CA VAL B 182 -5.08 7.74 20.24
C VAL B 182 -5.28 6.29 20.69
N LEU B 183 -4.17 5.55 20.84
CA LEU B 183 -4.23 4.14 21.23
C LEU B 183 -4.92 3.92 22.57
N THR B 184 -4.81 4.87 23.51
CA THR B 184 -5.53 4.74 24.77
C THR B 184 -7.04 4.80 24.54
N GLN B 185 -7.49 5.81 23.78
CA GLN B 185 -8.91 6.00 23.56
C GLN B 185 -9.49 4.93 22.66
N ILE B 186 -8.69 4.39 21.73
CA ILE B 186 -9.16 3.24 20.96
C ILE B 186 -9.34 2.04 21.88
N HIS B 187 -8.42 1.84 22.82
CA HIS B 187 -8.46 0.67 23.68
C HIS B 187 -9.67 0.72 24.62
N LYS B 188 -10.00 1.91 25.14
CA LYS B 188 -11.15 2.05 26.03
C LYS B 188 -12.47 1.74 25.32
N ILE B 189 -12.57 2.06 24.03
CA ILE B 189 -13.77 1.70 23.29
C ILE B 189 -13.90 0.18 23.16
N VAL B 190 -12.78 -0.53 22.98
CA VAL B 190 -12.84 -1.96 22.67
C VAL B 190 -12.38 -2.83 23.84
N SER B 191 -12.46 -2.34 25.07
CA SER B 191 -12.08 -3.14 26.23
C SER B 191 -13.31 -3.66 26.98
PG GTP C . 10.89 -6.15 -5.54
O1G GTP C . 10.09 -7.30 -4.94
O2G GTP C . 9.97 -4.97 -5.86
O3G GTP C . 11.92 -5.65 -4.55
O3B GTP C . 11.64 -6.68 -6.88
PB GTP C . 10.98 -6.60 -8.36
O1B GTP C . 10.44 -7.95 -8.80
O2B GTP C . 9.94 -5.49 -8.48
O3A GTP C . 12.22 -6.22 -9.30
PA GTP C . 12.17 -4.89 -10.20
O1A GTP C . 10.90 -4.77 -11.02
O2A GTP C . 12.44 -3.69 -9.32
O5' GTP C . 13.50 -5.11 -11.10
C5' GTP C . 14.53 -5.94 -10.59
C4' GTP C . 15.80 -5.77 -11.40
O4' GTP C . 15.75 -6.65 -12.50
C3' GTP C . 15.86 -4.36 -11.94
O3' GTP C . 17.18 -3.90 -11.77
C2' GTP C . 15.53 -4.49 -13.41
O2' GTP C . 16.32 -3.63 -14.19
C1' GTP C . 15.82 -5.95 -13.73
N9 GTP C . 14.82 -6.44 -14.72
C8 GTP C . 13.46 -6.47 -14.56
N7 GTP C . 12.91 -6.97 -15.69
C5 GTP C . 13.89 -7.25 -16.56
C6 GTP C . 13.87 -7.78 -17.84
O6 GTP C . 12.85 -8.09 -18.41
N1 GTP C . 15.06 -7.97 -18.50
C2 GTP C . 16.26 -7.64 -17.90
N2 GTP C . 17.39 -7.83 -18.57
N3 GTP C . 16.26 -7.12 -16.62
C4 GTP C . 15.09 -6.92 -15.96
MG MG D . 9.95 -3.47 -7.06
PG GTP E . 3.88 12.82 1.59
O1G GTP E . 4.78 11.60 1.76
O2G GTP E . 4.04 13.24 0.14
O3G GTP E . 2.43 12.47 1.80
O3B GTP E . 4.25 14.03 2.64
PB GTP E . 4.69 13.82 4.20
O1B GTP E . 5.00 12.39 4.59
O2B GTP E . 3.66 14.43 5.10
O3A GTP E . 6.03 14.66 4.40
PA GTP E . 7.33 14.01 5.14
O1A GTP E . 8.12 13.23 4.12
O2A GTP E . 6.99 13.12 6.34
O5' GTP E . 8.10 15.36 5.57
C5' GTP E . 7.93 16.52 4.77
C4' GTP E . 9.09 17.50 4.94
O4' GTP E . 8.83 18.26 6.08
C3' GTP E . 10.42 16.80 5.18
O3' GTP E . 11.38 17.34 4.29
C2' GTP E . 10.84 17.13 6.60
O2' GTP E . 12.14 17.65 6.60
C1' GTP E . 9.89 18.22 7.03
N9 GTP E . 9.35 17.95 8.37
C8 GTP E . 8.51 16.96 8.80
N7 GTP E . 8.29 17.11 10.13
C5 GTP E . 8.97 18.20 10.54
C6 GTP E . 9.11 18.81 11.78
O6 GTP E . 8.52 18.34 12.75
N1 GTP E . 9.90 19.93 11.90
C2 GTP E . 10.56 20.45 10.80
N2 GTP E . 11.32 21.52 10.91
N3 GTP E . 10.42 19.83 9.58
C4 GTP E . 9.64 18.74 9.46
MG MG F . 5.02 10.73 3.34
#